data_5CES
#
_entry.id   5CES
#
_cell.length_a   72.611
_cell.length_b   72.611
_cell.length_c   46.519
_cell.angle_alpha   90.00
_cell.angle_beta   90.00
_cell.angle_gamma   90.00
#
_symmetry.space_group_name_H-M   'P 43'
#
loop_
_entity.id
_entity.type
_entity.pdbx_description
1 polymer PA0618
2 water water
#
_entity_poly.entity_id   1
_entity_poly.type   'polypeptide(L)'
_entity_poly.pdbx_seq_one_letter_code
;SAGIVPYQVKAQLYLFPGPEAELIRAAAEASLRDYISAQRRLGRDIRRSALFATLHVEGVQRVELQEPAADVVLDETQAA
YCTGYAITLGGVDELEHHHHHH
;
_entity_poly.pdbx_strand_id   A,B
#
# COMPACT_ATOMS: atom_id res chain seq x y z
N SER A 1 -6.57 -15.09 -26.59
CA SER A 1 -6.60 -13.82 -25.88
C SER A 1 -5.55 -12.86 -26.41
N ALA A 2 -5.59 -11.62 -25.94
CA ALA A 2 -4.59 -10.63 -26.33
C ALA A 2 -3.30 -10.97 -25.61
N GLY A 3 -2.17 -10.74 -26.26
CA GLY A 3 -0.91 -11.15 -25.68
C GLY A 3 -0.36 -10.08 -24.77
N ILE A 4 -0.66 -8.82 -25.05
CA ILE A 4 -0.23 -7.74 -24.17
C ILE A 4 -1.42 -7.24 -23.37
N VAL A 5 -1.25 -7.17 -22.06
CA VAL A 5 -2.28 -6.62 -21.18
C VAL A 5 -1.91 -5.20 -20.77
N PRO A 6 -2.68 -4.21 -21.25
CA PRO A 6 -2.36 -2.82 -20.92
C PRO A 6 -2.80 -2.45 -19.51
N TYR A 7 -2.03 -1.61 -18.84
CA TYR A 7 -2.50 -1.05 -17.58
C TYR A 7 -1.95 0.36 -17.41
N GLN A 8 -2.67 1.17 -16.66
CA GLN A 8 -2.23 2.52 -16.31
C GLN A 8 -2.18 2.65 -14.80
N VAL A 9 -1.36 3.57 -14.32
CA VAL A 9 -1.35 3.87 -12.90
C VAL A 9 -1.80 5.32 -12.72
N LYS A 10 -2.98 5.50 -12.13
CA LYS A 10 -3.47 6.83 -11.82
C LYS A 10 -3.67 6.92 -10.30
N ALA A 11 -3.00 7.87 -9.68
CA ALA A 11 -3.04 7.99 -8.24
C ALA A 11 -2.92 9.43 -7.77
N GLN A 12 -3.53 9.74 -6.64
CA GLN A 12 -3.37 11.04 -6.01
C GLN A 12 -2.74 10.86 -4.64
N LEU A 13 -1.70 11.65 -4.37
CA LEU A 13 -0.98 11.61 -3.12
C LEU A 13 -1.45 12.72 -2.20
N TYR A 14 -1.77 12.37 -0.96
CA TYR A 14 -2.14 13.39 0.01
C TYR A 14 -1.02 13.61 1.02
N LEU A 15 -0.44 14.81 0.96
CA LEU A 15 0.71 15.19 1.77
C LEU A 15 0.36 16.28 2.76
N PHE A 16 1.19 16.46 3.79
CA PHE A 16 1.10 17.66 4.61
C PHE A 16 1.60 18.83 3.80
N PRO A 17 0.90 19.97 3.87
CA PRO A 17 1.27 21.18 3.13
C PRO A 17 2.67 21.67 3.46
N GLY A 18 3.50 21.84 2.45
CA GLY A 18 4.88 22.27 2.65
C GLY A 18 5.65 22.33 1.35
N PRO A 19 6.86 22.92 1.40
CA PRO A 19 7.65 23.14 0.18
C PRO A 19 8.23 21.86 -0.41
N GLU A 20 8.33 20.80 0.39
CA GLU A 20 8.85 19.52 -0.10
C GLU A 20 7.83 18.72 -0.91
N ALA A 21 6.61 19.24 -1.01
CA ALA A 21 5.50 18.47 -1.59
C ALA A 21 5.76 18.04 -3.03
N GLU A 22 6.28 18.94 -3.84
CA GLU A 22 6.49 18.63 -5.25
C GLU A 22 7.60 17.59 -5.36
N LEU A 23 8.56 17.68 -4.43
CA LEU A 23 9.69 16.75 -4.40
C LEU A 23 9.26 15.35 -3.97
N ILE A 24 8.35 15.28 -2.99
CA ILE A 24 7.83 14.01 -2.53
C ILE A 24 7.09 13.33 -3.67
N ARG A 25 6.36 14.11 -4.46
CA ARG A 25 5.64 13.56 -5.60
C ARG A 25 6.63 12.99 -6.63
N ALA A 26 7.74 13.69 -6.84
CA ALA A 26 8.76 13.22 -7.77
C ALA A 26 9.41 11.94 -7.25
N ALA A 27 9.52 11.83 -5.92
CA ALA A 27 10.08 10.63 -5.30
C ALA A 27 9.12 9.46 -5.49
N ALA A 28 7.83 9.74 -5.37
CA ALA A 28 6.83 8.70 -5.57
C ALA A 28 6.83 8.25 -7.02
N GLU A 29 7.01 9.20 -7.94
CA GLU A 29 7.04 8.88 -9.36
C GLU A 29 8.28 8.05 -9.71
N ALA A 30 9.42 8.41 -9.15
CA ALA A 30 10.66 7.68 -9.39
C ALA A 30 10.53 6.26 -8.86
N SER A 31 9.96 6.12 -7.68
CA SER A 31 9.72 4.80 -7.10
C SER A 31 8.77 3.98 -7.97
N LEU A 32 7.76 4.63 -8.52
CA LEU A 32 6.82 3.95 -9.42
C LEU A 32 7.48 3.49 -10.71
N ARG A 33 8.26 4.38 -11.32
CA ARG A 33 8.95 4.03 -12.55
C ARG A 33 9.90 2.86 -12.33
N ASP A 34 10.51 2.83 -11.15
CA ASP A 34 11.37 1.72 -10.76
C ASP A 34 10.54 0.43 -10.67
N TYR A 35 9.35 0.54 -10.10
CA TYR A 35 8.43 -0.59 -10.00
C TYR A 35 8.00 -1.07 -11.37
N ILE A 36 7.64 -0.14 -12.25
CA ILE A 36 7.21 -0.47 -13.61
C ILE A 36 8.29 -1.25 -14.34
N SER A 37 9.52 -0.77 -14.24
CA SER A 37 10.65 -1.42 -14.88
C SER A 37 10.92 -2.81 -14.31
N ALA A 38 10.84 -2.93 -12.99
CA ALA A 38 11.10 -4.19 -12.30
C ALA A 38 10.08 -5.27 -12.66
N GLN A 39 8.81 -4.89 -12.67
CA GLN A 39 7.73 -5.84 -12.97
C GLN A 39 7.83 -6.32 -14.42
N ARG A 40 8.25 -5.42 -15.30
CA ARG A 40 8.44 -5.77 -16.70
C ARG A 40 9.57 -6.80 -16.83
N ARG A 41 10.66 -6.56 -16.10
CA ARG A 41 11.83 -7.43 -16.14
C ARG A 41 11.55 -8.80 -15.52
N LEU A 42 10.78 -8.83 -14.44
CA LEU A 42 10.49 -10.07 -13.73
C LEU A 42 9.20 -10.75 -14.19
N GLY A 43 8.46 -10.09 -15.08
CA GLY A 43 7.23 -10.63 -15.63
C GLY A 43 6.18 -11.00 -14.60
N ARG A 44 6.02 -10.17 -13.58
CA ARG A 44 5.09 -10.44 -12.49
C ARG A 44 3.74 -9.73 -12.64
N ASP A 45 2.74 -10.20 -11.89
CA ASP A 45 1.41 -9.57 -11.91
C ASP A 45 1.48 -8.18 -11.29
N ILE A 46 0.54 -7.32 -11.65
CA ILE A 46 0.48 -5.97 -11.09
C ILE A 46 -0.56 -5.93 -9.97
N ARG A 47 -0.10 -5.80 -8.73
CA ARG A 47 -1.00 -5.84 -7.58
C ARG A 47 -1.19 -4.46 -6.97
N ARG A 48 -2.44 -4.13 -6.66
CA ARG A 48 -2.78 -2.84 -6.09
C ARG A 48 -2.03 -2.60 -4.79
N SER A 49 -1.90 -3.65 -3.97
CA SER A 49 -1.23 -3.52 -2.68
C SER A 49 0.23 -3.12 -2.85
N ALA A 50 0.89 -3.69 -3.86
CA ALA A 50 2.29 -3.36 -4.14
C ALA A 50 2.42 -1.93 -4.67
N LEU A 51 1.40 -1.46 -5.38
CA LEU A 51 1.43 -0.10 -5.92
C LEU A 51 1.24 0.91 -4.79
N PHE A 52 0.39 0.58 -3.83
CA PHE A 52 0.24 1.41 -2.64
C PHE A 52 1.57 1.55 -1.92
N ALA A 53 2.23 0.42 -1.71
CA ALA A 53 3.52 0.39 -1.03
C ALA A 53 4.55 1.18 -1.83
N THR A 54 4.49 1.04 -3.15
CA THR A 54 5.42 1.72 -4.02
C THR A 54 5.27 3.24 -3.93
N LEU A 55 4.02 3.70 -3.88
CA LEU A 55 3.75 5.13 -3.89
C LEU A 55 3.87 5.77 -2.50
N HIS A 56 3.86 4.95 -1.47
CA HIS A 56 3.96 5.47 -0.10
C HIS A 56 5.40 5.76 0.32
N VAL A 57 6.06 6.68 -0.39
CA VAL A 57 7.36 7.15 0.03
C VAL A 57 7.18 8.05 1.25
N GLU A 58 8.29 8.44 1.88
CA GLU A 58 8.22 9.27 3.08
C GLU A 58 7.51 10.60 2.83
N GLY A 59 6.58 10.93 3.72
CA GLY A 59 5.83 12.17 3.60
C GLY A 59 4.42 11.97 3.06
N VAL A 60 4.17 10.80 2.48
CA VAL A 60 2.86 10.51 1.92
C VAL A 60 1.93 10.00 3.01
N GLN A 61 0.83 10.71 3.23
CA GLN A 61 -0.12 10.34 4.28
C GLN A 61 -1.13 9.31 3.79
N ARG A 62 -1.62 9.51 2.56
N ARG A 62 -1.65 9.50 2.58
CA ARG A 62 -2.61 8.61 1.96
CA ARG A 62 -2.48 8.48 1.98
C ARG A 62 -2.46 8.55 0.43
C ARG A 62 -2.38 8.51 0.46
N VAL A 63 -2.66 7.37 -0.14
CA VAL A 63 -2.64 7.22 -1.59
C VAL A 63 -4.03 6.81 -2.06
N GLU A 64 -4.59 7.57 -2.98
CA GLU A 64 -5.84 7.19 -3.63
C GLU A 64 -5.50 6.64 -5.01
N LEU A 65 -5.76 5.35 -5.21
CA LEU A 65 -5.35 4.66 -6.44
C LEU A 65 -6.53 4.34 -7.35
N GLN A 66 -6.77 5.18 -8.37
CA GLN A 66 -7.88 4.95 -9.29
C GLN A 66 -7.58 3.84 -10.30
N GLU A 67 -6.40 3.88 -10.90
CA GLU A 67 -6.02 2.87 -11.87
C GLU A 67 -4.67 2.28 -11.51
N PRO A 68 -4.52 0.96 -11.69
CA PRO A 68 -5.55 0.04 -12.17
C PRO A 68 -6.61 -0.22 -11.10
N ALA A 69 -7.88 -0.26 -11.51
CA ALA A 69 -8.99 -0.43 -10.58
C ALA A 69 -8.94 -1.83 -9.95
N ALA A 70 -8.39 -2.79 -10.68
CA ALA A 70 -8.24 -4.14 -10.16
C ALA A 70 -6.87 -4.68 -10.51
N ASP A 71 -6.46 -5.74 -9.81
CA ASP A 71 -5.17 -6.36 -10.07
C ASP A 71 -5.02 -6.76 -11.53
N VAL A 72 -3.80 -6.72 -12.04
CA VAL A 72 -3.54 -7.17 -13.40
C VAL A 72 -2.91 -8.55 -13.36
N VAL A 73 -3.73 -9.57 -13.61
CA VAL A 73 -3.28 -10.95 -13.55
C VAL A 73 -3.07 -11.51 -14.95
N LEU A 74 -1.88 -12.05 -15.21
CA LEU A 74 -1.54 -12.53 -16.54
C LEU A 74 -1.67 -14.04 -16.65
N ASP A 75 -2.17 -14.52 -17.78
CA ASP A 75 -2.12 -15.96 -18.04
C ASP A 75 -0.76 -16.26 -18.64
N GLU A 76 -0.51 -17.54 -18.89
CA GLU A 76 0.81 -18.02 -19.29
C GLU A 76 1.32 -17.45 -20.62
N THR A 77 0.45 -16.82 -21.40
CA THR A 77 0.87 -16.35 -22.71
C THR A 77 0.93 -14.83 -22.77
N GLN A 78 0.68 -14.19 -21.63
CA GLN A 78 0.57 -12.74 -21.63
C GLN A 78 1.77 -12.01 -21.00
N ALA A 79 1.91 -10.75 -21.39
CA ALA A 79 2.87 -9.85 -20.78
C ALA A 79 2.14 -8.55 -20.45
N ALA A 80 2.54 -7.89 -19.37
CA ALA A 80 1.87 -6.64 -19.00
C ALA A 80 2.68 -5.46 -19.48
N TYR A 81 1.99 -4.38 -19.87
CA TYR A 81 2.67 -3.18 -20.34
C TYR A 81 1.98 -1.94 -19.82
N CYS A 82 2.73 -1.08 -19.16
CA CYS A 82 2.18 0.17 -18.64
C CYS A 82 2.05 1.21 -19.75
N THR A 83 0.81 1.61 -20.02
CA THR A 83 0.53 2.54 -21.12
C THR A 83 0.58 3.98 -20.66
N GLY A 84 1.05 4.21 -19.43
CA GLY A 84 1.16 5.55 -18.90
C GLY A 84 0.82 5.66 -17.43
N TYR A 85 1.19 6.77 -16.82
CA TYR A 85 0.85 7.00 -15.42
C TYR A 85 0.59 8.48 -15.17
N ALA A 86 -0.19 8.77 -14.13
CA ALA A 86 -0.47 10.13 -13.72
C ALA A 86 -0.49 10.19 -12.20
N ILE A 87 0.60 10.69 -11.63
CA ILE A 87 0.71 10.82 -10.18
C ILE A 87 0.58 12.29 -9.81
N THR A 88 -0.52 12.63 -9.14
CA THR A 88 -0.78 14.01 -8.80
C THR A 88 -0.98 14.21 -7.31
N LEU A 89 -1.05 15.48 -6.90
CA LEU A 89 -1.28 15.82 -5.50
C LEU A 89 -2.76 16.01 -5.24
N GLY A 90 -3.23 15.50 -4.11
CA GLY A 90 -4.63 15.61 -3.73
C GLY A 90 -5.07 17.03 -3.35
N GLY A 91 -4.52 17.58 -2.27
CA GLY A 91 -3.58 16.89 -1.41
C GLY A 91 -3.80 17.21 0.06
N SER B 1 -18.88 14.49 24.42
CA SER B 1 -17.55 14.71 23.88
C SER B 1 -17.13 13.56 22.96
N ALA B 2 -16.02 13.75 22.25
CA ALA B 2 -15.49 12.71 21.39
C ALA B 2 -14.74 11.62 22.14
N GLY B 3 -14.97 10.38 21.73
CA GLY B 3 -14.35 9.23 22.35
C GLY B 3 -13.14 8.71 21.61
N ILE B 4 -12.97 7.40 21.72
CA ILE B 4 -11.93 6.66 21.04
C ILE B 4 -12.56 5.83 19.92
N VAL B 5 -11.96 5.87 18.74
CA VAL B 5 -12.45 5.08 17.63
C VAL B 5 -11.64 3.80 17.48
N PRO B 6 -12.28 2.64 17.69
CA PRO B 6 -11.59 1.34 17.62
C PRO B 6 -11.35 0.88 16.19
N TYR B 7 -10.24 0.20 15.97
CA TYR B 7 -10.02 -0.49 14.70
C TYR B 7 -9.18 -1.73 14.93
N GLN B 8 -9.33 -2.70 14.05
CA GLN B 8 -8.47 -3.89 14.06
C GLN B 8 -7.81 -4.03 12.68
N VAL B 9 -6.69 -4.73 12.64
CA VAL B 9 -6.03 -5.02 11.38
C VAL B 9 -6.04 -6.52 11.09
N LYS B 10 -6.80 -6.91 10.07
CA LYS B 10 -6.86 -8.30 9.65
C LYS B 10 -6.36 -8.40 8.21
N ALA B 11 -5.31 -9.18 8.00
CA ALA B 11 -4.69 -9.26 6.68
C ALA B 11 -4.07 -10.63 6.43
N GLN B 12 -4.05 -11.03 5.17
CA GLN B 12 -3.36 -12.25 4.75
C GLN B 12 -2.25 -11.91 3.78
N LEU B 13 -1.06 -12.46 4.04
CA LEU B 13 0.09 -12.20 3.19
C LEU B 13 0.30 -13.31 2.18
N TYR B 14 0.43 -12.92 0.93
CA TYR B 14 0.77 -13.86 -0.15
C TYR B 14 2.22 -13.59 -0.54
N LEU B 15 3.08 -14.58 -0.36
CA LEU B 15 4.51 -14.37 -0.54
C LEU B 15 5.01 -14.99 -1.82
N PHE B 16 6.16 -14.50 -2.28
CA PHE B 16 6.86 -15.10 -3.40
C PHE B 16 7.47 -16.42 -2.95
N PRO B 17 7.33 -17.47 -3.78
CA PRO B 17 7.90 -18.78 -3.44
C PRO B 17 9.40 -18.71 -3.23
N GLY B 18 9.86 -19.12 -2.06
CA GLY B 18 11.28 -19.06 -1.75
C GLY B 18 11.64 -19.47 -0.34
N PRO B 19 12.02 -18.49 0.49
CA PRO B 19 12.50 -18.73 1.85
C PRO B 19 11.40 -19.16 2.82
N GLU B 20 11.68 -19.05 4.11
CA GLU B 20 10.74 -19.42 5.15
C GLU B 20 9.67 -18.36 5.31
N ALA B 21 8.42 -18.79 5.20
CA ALA B 21 7.27 -17.90 5.23
C ALA B 21 7.15 -17.15 6.55
N GLU B 22 7.46 -17.84 7.65
CA GLU B 22 7.26 -17.29 9.00
C GLU B 22 8.14 -16.09 9.35
N LEU B 23 9.36 -16.03 8.83
CA LEU B 23 10.22 -14.90 9.15
C LEU B 23 9.69 -13.63 8.49
N ILE B 24 9.17 -13.78 7.27
CA ILE B 24 8.57 -12.67 6.55
C ILE B 24 7.33 -12.16 7.28
N ARG B 25 6.52 -13.09 7.78
CA ARG B 25 5.30 -12.74 8.51
C ARG B 25 5.61 -11.99 9.80
N ALA B 26 6.66 -12.41 10.49
CA ALA B 26 7.07 -11.75 11.73
C ALA B 26 7.58 -10.33 11.45
N ALA B 27 8.25 -10.15 10.32
CA ALA B 27 8.76 -8.84 9.93
C ALA B 27 7.62 -7.89 9.60
N ALA B 28 6.59 -8.41 8.94
CA ALA B 28 5.42 -7.60 8.61
C ALA B 28 4.66 -7.21 9.86
N GLU B 29 4.59 -8.14 10.81
CA GLU B 29 3.91 -7.88 12.07
C GLU B 29 4.68 -6.83 12.87
N ALA B 30 6.01 -6.95 12.86
CA ALA B 30 6.86 -6.00 13.55
C ALA B 30 6.71 -4.61 12.94
N SER B 31 6.67 -4.55 11.62
CA SER B 31 6.45 -3.30 10.90
C SER B 31 5.08 -2.71 11.25
N LEU B 32 4.09 -3.58 11.37
CA LEU B 32 2.73 -3.16 11.70
C LEU B 32 2.69 -2.57 13.12
N ARG B 33 3.31 -3.24 14.07
CA ARG B 33 3.33 -2.75 15.45
C ARG B 33 3.97 -1.36 15.53
N ASP B 34 5.00 -1.14 14.72
CA ASP B 34 5.64 0.17 14.63
C ASP B 34 4.68 1.22 14.09
N TYR B 35 3.91 0.83 13.07
CA TYR B 35 2.91 1.71 12.49
C TYR B 35 1.82 2.06 13.50
N ILE B 36 1.34 1.06 14.23
CA ILE B 36 0.29 1.26 15.22
C ILE B 36 0.74 2.24 16.30
N SER B 37 1.94 2.04 16.83
CA SER B 37 2.48 2.92 17.86
C SER B 37 2.70 4.32 17.32
N ALA B 38 3.22 4.42 16.10
CA ALA B 38 3.51 5.70 15.50
C ALA B 38 2.24 6.53 15.29
N GLN B 39 1.18 5.91 14.77
CA GLN B 39 -0.06 6.62 14.53
C GLN B 39 -0.73 7.04 15.83
N ARG B 40 -0.63 6.20 16.86
CA ARG B 40 -1.20 6.51 18.16
C ARG B 40 -0.48 7.70 18.79
N ARG B 41 0.84 7.71 18.69
CA ARG B 41 1.65 8.78 19.28
C ARG B 41 1.41 10.11 18.56
N LEU B 42 1.21 10.07 17.25
CA LEU B 42 1.01 11.27 16.45
C LEU B 42 -0.47 11.62 16.26
N GLY B 43 -1.36 10.74 16.71
CA GLY B 43 -2.78 10.95 16.61
C GLY B 43 -3.27 11.18 15.18
N ARG B 44 -2.74 10.41 14.24
CA ARG B 44 -3.10 10.58 12.83
C ARG B 44 -4.14 9.56 12.40
N ASP B 45 -4.78 9.82 11.26
CA ASP B 45 -5.80 8.94 10.73
C ASP B 45 -5.21 7.60 10.31
N ILE B 46 -6.05 6.56 10.31
CA ILE B 46 -5.63 5.23 9.91
C ILE B 46 -6.04 4.98 8.47
N ARG B 47 -5.06 4.94 7.57
CA ARG B 47 -5.34 4.81 6.15
C ARG B 47 -4.98 3.44 5.60
N ARG B 48 -5.90 2.87 4.83
CA ARG B 48 -5.68 1.56 4.24
C ARG B 48 -4.43 1.53 3.36
N SER B 49 -4.20 2.62 2.62
CA SER B 49 -3.04 2.67 1.72
C SER B 49 -1.74 2.56 2.51
N ALA B 50 -1.70 3.20 3.68
CA ALA B 50 -0.52 3.18 4.53
C ALA B 50 -0.31 1.79 5.16
N LEU B 51 -1.40 1.08 5.40
CA LEU B 51 -1.32 -0.25 5.97
C LEU B 51 -0.82 -1.25 4.94
N PHE B 52 -1.22 -1.08 3.68
CA PHE B 52 -0.70 -1.90 2.60
C PHE B 52 0.81 -1.73 2.52
N ALA B 53 1.25 -0.48 2.54
CA ALA B 53 2.67 -0.15 2.48
C ALA B 53 3.42 -0.76 3.66
N THR B 54 2.79 -0.71 4.82
CA THR B 54 3.37 -1.24 6.05
C THR B 54 3.55 -2.75 5.99
N LEU B 55 2.56 -3.45 5.45
CA LEU B 55 2.58 -4.90 5.41
C LEU B 55 3.40 -5.45 4.25
N HIS B 56 3.71 -4.60 3.27
CA HIS B 56 4.49 -5.02 2.12
C HIS B 56 5.99 -5.00 2.41
N VAL B 57 6.41 -5.81 3.37
CA VAL B 57 7.84 -6.00 3.61
C VAL B 57 8.42 -6.87 2.50
N GLU B 58 9.74 -7.00 2.48
CA GLU B 58 10.41 -7.78 1.44
C GLU B 58 9.94 -9.23 1.46
N GLY B 59 9.61 -9.74 0.27
CA GLY B 59 9.15 -11.11 0.13
C GLY B 59 7.65 -11.23 -0.07
N VAL B 60 6.94 -10.14 0.22
CA VAL B 60 5.49 -10.12 0.09
C VAL B 60 5.04 -9.78 -1.34
N GLN B 61 4.29 -10.69 -1.95
CA GLN B 61 3.80 -10.49 -3.31
C GLN B 61 2.49 -9.73 -3.33
N ARG B 62 1.58 -10.07 -2.43
CA ARG B 62 0.27 -9.45 -2.38
C ARG B 62 -0.28 -9.41 -0.96
N VAL B 63 -0.95 -8.30 -0.62
CA VAL B 63 -1.59 -8.18 0.67
C VAL B 63 -3.11 -8.07 0.52
N GLU B 64 -3.82 -8.94 1.22
CA GLU B 64 -5.28 -8.85 1.30
C GLU B 64 -5.65 -8.25 2.64
N LEU B 65 -6.24 -7.06 2.61
CA LEU B 65 -6.53 -6.33 3.85
C LEU B 65 -8.02 -6.29 4.14
N GLN B 66 -8.49 -7.18 5.01
CA GLN B 66 -9.90 -7.23 5.37
C GLN B 66 -10.29 -6.10 6.32
N GLU B 67 -9.47 -5.91 7.34
CA GLU B 67 -9.73 -4.87 8.34
C GLU B 67 -8.50 -4.00 8.55
N PRO B 68 -8.71 -2.68 8.73
CA PRO B 68 -10.02 -2.01 8.71
C PRO B 68 -10.59 -1.92 7.29
N ALA B 69 -11.89 -2.18 7.17
CA ALA B 69 -12.55 -2.23 5.87
C ALA B 69 -12.54 -0.87 5.19
N ALA B 70 -12.54 0.19 6.00
CA ALA B 70 -12.46 1.54 5.47
C ALA B 70 -11.50 2.36 6.31
N ASP B 71 -11.02 3.48 5.75
CA ASP B 71 -10.13 4.36 6.48
C ASP B 71 -10.78 4.78 7.80
N VAL B 72 -9.96 4.99 8.81
CA VAL B 72 -10.43 5.53 10.09
C VAL B 72 -10.07 7.00 10.16
N VAL B 73 -11.06 7.86 9.88
CA VAL B 73 -10.83 9.30 9.85
C VAL B 73 -11.37 9.95 11.13
N LEU B 74 -10.50 10.66 11.83
CA LEU B 74 -10.82 11.24 13.13
C LEU B 74 -11.13 12.72 13.04
N ASP B 75 -12.08 13.19 13.83
CA ASP B 75 -12.26 14.63 13.96
C ASP B 75 -11.27 15.15 14.98
N GLU B 76 -11.24 16.47 15.18
CA GLU B 76 -10.19 17.12 15.96
C GLU B 76 -10.12 16.66 17.42
N THR B 77 -11.17 16.01 17.90
CA THR B 77 -11.24 15.63 19.30
C THR B 77 -11.21 14.11 19.54
N GLN B 78 -11.03 13.34 18.47
CA GLN B 78 -11.05 11.88 18.57
C GLN B 78 -9.66 11.26 18.53
N ALA B 79 -9.55 10.05 19.05
CA ALA B 79 -8.33 9.26 18.97
C ALA B 79 -8.64 7.85 18.49
N ALA B 80 -7.69 7.23 17.79
CA ALA B 80 -7.86 5.87 17.32
C ALA B 80 -7.13 4.90 18.23
N TYR B 81 -7.68 3.69 18.37
CA TYR B 81 -7.05 2.65 19.16
C TYR B 81 -7.20 1.28 18.50
N CYS B 82 -6.07 0.63 18.24
CA CYS B 82 -6.07 -0.70 17.65
C CYS B 82 -6.39 -1.74 18.72
N THR B 83 -7.51 -2.44 18.53
CA THR B 83 -7.98 -3.41 19.52
C THR B 83 -7.41 -4.81 19.29
N GLY B 84 -6.47 -4.91 18.35
CA GLY B 84 -5.85 -6.18 18.05
C GLY B 84 -5.57 -6.31 16.56
N TYR B 85 -4.75 -7.30 16.19
CA TYR B 85 -4.46 -7.56 14.79
C TYR B 85 -4.27 -9.06 14.53
N ALA B 86 -4.47 -9.46 13.28
CA ALA B 86 -4.26 -10.83 12.86
C ALA B 86 -3.62 -10.88 11.48
N ILE B 87 -2.32 -11.13 11.44
CA ILE B 87 -1.59 -11.22 10.18
C ILE B 87 -1.26 -12.68 9.90
N THR B 88 -1.90 -13.23 8.87
CA THR B 88 -1.74 -14.63 8.53
C THR B 88 -1.21 -14.81 7.11
N LEU B 89 -0.89 -16.04 6.75
CA LEU B 89 -0.39 -16.35 5.42
C LEU B 89 -1.52 -16.77 4.48
N GLY B 90 -1.48 -16.27 3.26
CA GLY B 90 -2.48 -16.59 2.26
C GLY B 90 -2.38 -18.02 1.76
N GLY B 91 -1.27 -18.35 1.11
CA GLY B 91 -1.06 -19.68 0.58
C GLY B 91 0.37 -20.17 0.75
#